data_5J8I
#
_entry.id   5J8I
#
_cell.length_a   58.248
_cell.length_b   133.343
_cell.length_c   145.039
_cell.angle_alpha   90.00
_cell.angle_beta   90.00
_cell.angle_gamma   90.00
#
_symmetry.space_group_name_H-M   'I 2 2 2'
#
loop_
_entity.id
_entity.type
_entity.pdbx_description
1 polymer 'Mitogen-activated protein kinase kinase kinase 7/TGF-beta-activated kinase 1 and MAP3K7-binding protein 1 chimera'
2 non-polymer N-{2-[(5-chloro-2-{[4-(4-methylpiperazin-1-yl)phenyl]amino}pyrimidin-4-yl)oxy]phenyl}prop-2-enamide
#
_entity_poly.entity_id   1
_entity_poly.type   'polypeptide(L)'
_entity_poly.pdbx_seq_one_letter_code
;SLHMIDYKEIEVEEVVGRGAFGVVCKAKWRAKDVAIKQIESESERKAFIVELRQLSRVNHPNIVKLYGACLNPVCLVMEY
AEGGSLYNVLHGAEPLPYYTAAHAMSWCLQCSQGVAYLHSMQPKALIHRDLKPPNLLLVAGGTVLKICDFGTACDIQTHM
TNNKGSAAWMAPEVFEGSNYSEKCDVFSWGIILWEVITRRKPFDEIGGPAFRIMWAVHNGTRPPLIKNLPKPIESLMTRC
WSKDPSQRPSMEEIVKIMTHLMRYFPGADEPLQYPCQHSLPPGEDGRVEPYVDFAEFYRLWSVDHGEQSVVTAP
;
_entity_poly.pdbx_strand_id   A
#
loop_
_chem_comp.id
_chem_comp.type
_chem_comp.name
_chem_comp.formula
6H4 non-polymer N-{2-[(5-chloro-2-{[4-(4-methylpiperazin-1-yl)phenyl]amino}pyrimidin-4-yl)oxy]phenyl}prop-2-enamide 'C24 H25 Cl N6 O2'
#
# COMPACT_ATOMS: atom_id res chain seq x y z
N SER A 1 11.08 7.84 -22.26
CA SER A 1 10.28 6.86 -22.99
C SER A 1 8.80 7.11 -22.78
N LEU A 2 8.35 8.30 -23.15
CA LEU A 2 6.99 8.74 -22.87
C LEU A 2 6.11 8.65 -24.12
N HIS A 3 4.85 9.03 -23.96
CA HIS A 3 3.87 9.03 -25.03
C HIS A 3 3.05 10.31 -24.93
N MET A 4 2.65 10.82 -26.09
CA MET A 4 1.87 12.05 -26.16
C MET A 4 0.46 11.77 -26.63
N ILE A 5 -0.50 12.47 -26.05
CA ILE A 5 -1.92 12.26 -26.31
C ILE A 5 -2.56 13.61 -26.57
N ASP A 6 -3.25 13.73 -27.69
CA ASP A 6 -4.07 14.90 -27.95
C ASP A 6 -5.11 15.03 -26.85
N TYR A 7 -5.05 16.13 -26.09
CA TYR A 7 -6.03 16.34 -25.03
C TYR A 7 -7.46 16.29 -25.55
N LYS A 8 -7.66 16.31 -26.87
CA LYS A 8 -8.98 16.11 -27.46
C LYS A 8 -9.39 14.64 -27.46
N GLU A 9 -8.42 13.71 -27.41
CA GLU A 9 -8.76 12.30 -27.30
C GLU A 9 -9.30 11.98 -25.90
N ILE A 10 -8.72 12.61 -24.87
CA ILE A 10 -9.16 12.36 -23.50
C ILE A 10 -10.63 12.71 -23.38
N GLU A 11 -11.46 11.72 -23.06
CA GLU A 11 -12.89 11.92 -22.83
C GLU A 11 -13.09 12.10 -21.32
N VAL A 12 -12.74 13.27 -20.83
CA VAL A 12 -12.82 13.60 -19.41
C VAL A 12 -14.23 13.28 -18.91
N GLU A 13 -14.32 12.34 -17.98
CA GLU A 13 -15.60 12.07 -17.32
C GLU A 13 -15.71 12.88 -16.04
N GLU A 14 -15.75 12.22 -14.89
CA GLU A 14 -16.01 12.87 -13.61
C GLU A 14 -14.76 12.86 -12.75
N VAL A 15 -14.80 13.68 -11.69
CA VAL A 15 -13.72 13.71 -10.71
C VAL A 15 -13.85 12.51 -9.79
N VAL A 16 -12.73 12.13 -9.16
CA VAL A 16 -12.67 10.99 -8.26
C VAL A 16 -12.16 11.39 -6.88
N GLY A 17 -11.23 12.34 -6.82
CA GLY A 17 -10.69 12.76 -5.53
C GLY A 17 -9.44 13.59 -5.71
N ARG A 18 -8.61 13.58 -4.67
CA ARG A 18 -7.35 14.32 -4.69
C ARG A 18 -6.31 13.65 -3.80
N PHE A 21 -2.52 16.27 -3.98
CA PHE A 21 -1.92 17.04 -5.06
C PHE A 21 -2.77 16.95 -6.32
N GLY A 22 -3.03 18.10 -6.95
CA GLY A 22 -3.85 18.14 -8.14
C GLY A 22 -5.22 17.53 -7.88
N VAL A 23 -5.96 17.38 -8.98
CA VAL A 23 -7.22 16.63 -8.99
C VAL A 23 -7.06 15.46 -9.93
N VAL A 24 -7.80 14.39 -9.65
CA VAL A 24 -7.78 13.17 -10.45
C VAL A 24 -9.19 12.93 -10.97
N CYS A 25 -9.31 12.73 -12.28
CA CYS A 25 -10.59 12.57 -12.94
C CYS A 25 -10.59 11.29 -13.74
N LYS A 26 -11.64 10.48 -13.55
CA LYS A 26 -11.83 9.32 -14.43
C LYS A 26 -12.08 9.80 -15.85
N ALA A 27 -11.51 9.08 -16.81
CA ALA A 27 -11.63 9.47 -18.21
C ALA A 27 -11.71 8.20 -19.06
N LYS A 28 -11.76 8.40 -20.38
CA LYS A 28 -11.60 7.34 -21.35
C LYS A 28 -10.62 7.81 -22.42
N TRP A 29 -9.99 6.85 -23.09
CA TRP A 29 -8.94 7.18 -24.04
C TRP A 29 -8.52 5.95 -24.84
N ARG A 30 -9.05 5.83 -26.06
CA ARG A 30 -8.77 4.68 -26.93
C ARG A 30 -9.54 3.44 -26.45
N ALA A 31 -10.82 3.63 -26.13
CA ALA A 31 -11.70 2.52 -25.75
C ALA A 31 -11.23 1.83 -24.48
N LYS A 32 -10.64 2.57 -23.56
CA LYS A 32 -10.25 2.05 -22.25
C LYS A 32 -10.58 3.09 -21.19
N ASP A 33 -10.73 2.62 -19.96
CA ASP A 33 -10.84 3.53 -18.82
C ASP A 33 -9.47 4.05 -18.44
N VAL A 34 -9.41 5.34 -18.10
CA VAL A 34 -8.13 6.00 -17.86
C VAL A 34 -8.33 7.05 -16.77
N ALA A 35 -7.33 7.18 -15.91
CA ALA A 35 -7.31 8.18 -14.85
C ALA A 35 -6.35 9.30 -15.24
N ILE A 36 -6.83 10.54 -15.15
CA ILE A 36 -6.03 11.70 -15.54
C ILE A 36 -5.88 12.62 -14.32
N LYS A 37 -4.75 13.30 -14.26
CA LYS A 37 -4.38 14.14 -13.12
C LYS A 37 -4.15 15.56 -13.64
N GLN A 38 -5.22 16.37 -13.63
CA GLN A 38 -5.12 17.73 -14.11
C GLN A 38 -4.17 18.56 -13.24
N ILE A 39 -3.84 19.74 -13.73
CA ILE A 39 -3.05 20.72 -12.99
C ILE A 39 -4.00 21.74 -12.37
N GLU A 40 -3.70 22.15 -11.15
CA GLU A 40 -4.59 23.06 -10.42
C GLU A 40 -4.24 24.52 -10.61
N SER A 41 -2.98 24.83 -10.91
CA SER A 41 -2.57 26.22 -11.11
C SER A 41 -1.16 26.24 -11.68
N GLU A 42 -0.74 27.42 -12.14
CA GLU A 42 0.61 27.61 -12.63
C GLU A 42 1.63 27.26 -11.57
N SER A 43 1.29 27.47 -10.29
CA SER A 43 2.23 27.26 -9.20
C SER A 43 2.70 25.81 -9.11
N GLU A 44 1.96 24.87 -9.70
CA GLU A 44 2.31 23.46 -9.65
C GLU A 44 3.01 22.99 -10.91
N ARG A 45 3.42 23.90 -11.80
CA ARG A 45 4.12 23.49 -13.01
C ARG A 45 5.36 22.66 -12.66
N LYS A 46 6.20 23.18 -11.76
CA LYS A 46 7.45 22.50 -11.45
C LYS A 46 7.23 21.17 -10.74
N ALA A 47 6.19 21.08 -9.91
CA ALA A 47 5.94 19.84 -9.18
C ALA A 47 5.69 18.68 -10.13
N PHE A 48 4.85 18.89 -11.14
CA PHE A 48 4.57 17.85 -12.13
C PHE A 48 5.83 17.39 -12.84
N ILE A 49 6.88 18.21 -12.87
CA ILE A 49 8.08 17.87 -13.63
C ILE A 49 8.81 16.69 -13.00
N VAL A 50 9.28 16.87 -11.76
CA VAL A 50 10.06 15.83 -11.10
C VAL A 50 9.29 14.52 -11.07
N GLU A 51 7.97 14.59 -11.00
CA GLU A 51 7.17 13.37 -10.96
C GLU A 51 7.26 12.60 -12.27
N LEU A 52 7.34 13.32 -13.39
CA LEU A 52 7.39 12.65 -14.69
C LEU A 52 8.79 12.18 -15.05
N ARG A 53 9.83 12.73 -14.42
CA ARG A 53 11.18 12.23 -14.64
C ARG A 53 11.32 10.79 -14.18
N GLN A 54 10.67 10.45 -13.07
CA GLN A 54 10.77 9.12 -12.49
C GLN A 54 9.67 8.19 -12.95
N LEU A 55 8.49 8.72 -13.27
CA LEU A 55 7.40 7.90 -13.79
C LEU A 55 7.69 7.38 -15.20
N SER A 56 8.79 7.81 -15.82
CA SER A 56 9.26 7.23 -17.08
C SER A 56 10.28 6.14 -16.82
N ARG A 57 11.27 6.43 -15.95
CA ARG A 57 12.26 5.42 -15.57
C ARG A 57 11.58 4.15 -15.07
N VAL A 58 10.44 4.29 -14.40
CA VAL A 58 9.82 3.20 -13.66
C VAL A 58 8.87 2.43 -14.56
N ASN A 59 9.04 1.12 -14.60
CA ASN A 59 8.09 0.23 -15.25
C ASN A 59 8.10 -1.10 -14.49
N HIS A 60 6.95 -1.47 -13.93
CA HIS A 60 6.87 -2.65 -13.08
C HIS A 60 5.41 -3.03 -12.94
N PRO A 61 5.09 -4.33 -12.85
CA PRO A 61 3.67 -4.72 -12.78
C PRO A 61 2.94 -4.12 -11.60
N ASN A 62 3.56 -4.09 -10.42
CA ASN A 62 2.92 -3.60 -9.20
C ASN A 62 3.11 -2.10 -8.99
N ILE A 63 3.29 -1.34 -10.07
CA ILE A 63 3.38 0.12 -10.02
C ILE A 63 2.46 0.68 -11.09
N VAL A 64 1.83 1.82 -10.79
CA VAL A 64 0.83 2.38 -11.69
C VAL A 64 1.46 2.68 -13.03
N LYS A 65 0.79 2.26 -14.10
CA LYS A 65 1.28 2.44 -15.45
C LYS A 65 0.94 3.84 -15.96
N LEU A 66 1.95 4.57 -16.40
CA LEU A 66 1.74 5.87 -17.07
C LEU A 66 1.63 5.60 -18.57
N TYR A 67 0.41 5.65 -19.09
CA TYR A 67 0.23 5.62 -20.53
C TYR A 67 0.99 6.77 -21.19
N GLY A 68 0.67 7.99 -20.82
CA GLY A 68 1.37 9.16 -21.33
C GLY A 68 0.76 10.46 -20.86
N CYS A 70 -1.23 16.32 -24.39
CA CYS A 70 -1.16 15.68 -23.08
C CYS A 70 -0.85 16.68 -21.97
N LEU A 71 0.03 17.64 -22.26
CA LEU A 71 0.53 18.55 -21.24
C LEU A 71 -0.22 19.88 -21.21
N ASN A 72 -1.20 20.09 -22.09
CA ASN A 72 -1.89 21.38 -22.13
C ASN A 72 -3.40 21.22 -21.91
N PRO A 73 -3.89 21.54 -20.70
CA PRO A 73 -3.09 21.95 -19.53
C PRO A 73 -2.32 20.76 -18.96
N VAL A 74 -1.30 21.02 -18.15
CA VAL A 74 -0.44 19.96 -17.63
C VAL A 74 -1.31 18.82 -17.11
N CYS A 75 -1.14 17.64 -17.71
CA CYS A 75 -1.97 16.48 -17.38
C CYS A 75 -1.09 15.24 -17.38
N LEU A 76 -1.63 14.17 -16.79
CA LEU A 76 -0.95 12.89 -16.75
C LEU A 76 -1.98 11.81 -17.04
N VAL A 77 -1.57 10.81 -17.84
CA VAL A 77 -2.47 9.78 -18.33
C VAL A 77 -2.00 8.45 -17.75
N MET A 78 -2.75 7.93 -16.78
CA MET A 78 -2.40 6.71 -16.08
C MET A 78 -3.55 5.73 -16.16
N GLU A 79 -3.26 4.47 -15.82
CA GLU A 79 -4.29 3.44 -15.82
C GLU A 79 -5.27 3.66 -14.69
N TYR A 80 -6.54 3.39 -14.96
CA TYR A 80 -7.63 3.62 -13.99
C TYR A 80 -7.89 2.33 -13.22
N ALA A 81 -7.45 2.30 -11.96
CA ALA A 81 -7.73 1.18 -11.08
C ALA A 81 -9.19 1.24 -10.65
N GLU A 82 -10.02 0.40 -11.26
CA GLU A 82 -11.45 0.43 -10.96
C GLU A 82 -11.75 0.06 -9.52
N GLY A 83 -10.83 -0.61 -8.83
CA GLY A 83 -11.08 -1.08 -7.48
C GLY A 83 -10.90 -0.04 -6.39
N GLY A 84 -10.34 1.12 -6.71
CA GLY A 84 -10.09 2.13 -5.70
C GLY A 84 -8.88 1.80 -4.86
N SER A 85 -8.71 2.57 -3.79
CA SER A 85 -7.59 2.38 -2.89
C SER A 85 -7.80 1.16 -2.00
N LEU A 86 -6.70 0.54 -1.60
CA LEU A 86 -6.78 -0.52 -0.60
C LEU A 86 -7.39 0.00 0.69
N TYR A 87 -7.11 1.26 1.04
CA TYR A 87 -7.72 1.85 2.22
C TYR A 87 -9.23 1.82 2.12
N ASN A 88 -9.77 2.12 0.94
CA ASN A 88 -11.22 2.08 0.75
C ASN A 88 -11.76 0.66 0.89
N VAL A 89 -11.01 -0.33 0.39
CA VAL A 89 -11.43 -1.73 0.53
C VAL A 89 -11.47 -2.12 2.00
N LEU A 90 -10.43 -1.77 2.76
CA LEU A 90 -10.34 -2.21 4.14
C LEU A 90 -11.34 -1.47 5.03
N HIS A 91 -11.45 -0.15 4.88
CA HIS A 91 -12.18 0.68 5.83
C HIS A 91 -13.20 1.60 5.18
N GLY A 92 -13.41 1.51 3.87
CA GLY A 92 -14.23 2.48 3.17
C GLY A 92 -15.72 2.36 3.45
N ALA A 93 -16.53 2.86 2.52
CA ALA A 93 -17.98 2.84 2.68
C ALA A 93 -18.53 1.44 2.50
N GLU A 94 -19.43 1.05 3.38
CA GLU A 94 -20.07 -0.25 3.28
C GLU A 94 -21.05 -0.25 2.10
N PRO A 95 -21.30 -1.43 1.50
CA PRO A 95 -20.83 -2.76 1.89
C PRO A 95 -19.35 -2.99 1.65
N LEU A 96 -18.65 -3.48 2.66
CA LEU A 96 -17.25 -3.79 2.46
C LEU A 96 -17.08 -5.21 1.95
N PRO A 97 -16.14 -5.45 1.04
CA PRO A 97 -15.93 -6.81 0.55
C PRO A 97 -15.28 -7.69 1.61
N TYR A 98 -15.58 -8.98 1.52
CA TYR A 98 -14.91 -9.99 2.33
C TYR A 98 -13.63 -10.43 1.63
N TYR A 99 -12.56 -10.58 2.41
CA TYR A 99 -11.30 -11.07 1.88
C TYR A 99 -10.68 -12.05 2.86
N THR A 100 -9.70 -12.81 2.39
CA THR A 100 -9.14 -13.92 3.12
C THR A 100 -7.71 -13.62 3.54
N ALA A 101 -7.15 -14.53 4.34
CA ALA A 101 -5.75 -14.43 4.72
C ALA A 101 -4.85 -14.43 3.50
N ALA A 102 -5.22 -15.16 2.45
CA ALA A 102 -4.39 -15.21 1.25
C ALA A 102 -4.41 -13.87 0.52
N HIS A 103 -5.57 -13.20 0.48
CA HIS A 103 -5.63 -11.86 -0.10
C HIS A 103 -4.71 -10.92 0.65
N ALA A 104 -4.77 -10.93 1.98
CA ALA A 104 -3.96 -10.03 2.78
C ALA A 104 -2.47 -10.24 2.51
N MET A 105 -2.04 -11.50 2.48
CA MET A 105 -0.63 -11.80 2.24
C MET A 105 -0.22 -11.46 0.82
N SER A 106 -1.08 -11.77 -0.15
CA SER A 106 -0.76 -11.46 -1.54
C SER A 106 -0.62 -9.96 -1.75
N TRP A 107 -1.55 -9.19 -1.20
CA TRP A 107 -1.46 -7.73 -1.28
C TRP A 107 -0.11 -7.25 -0.75
N CYS A 108 0.27 -7.70 0.44
CA CYS A 108 1.54 -7.28 1.02
C CYS A 108 2.71 -7.77 0.19
N LEU A 109 2.69 -9.02 -0.26
CA LEU A 109 3.74 -9.51 -1.15
C LEU A 109 3.87 -8.64 -2.38
N GLN A 110 2.76 -8.40 -3.08
CA GLN A 110 2.81 -7.57 -4.27
C GLN A 110 3.33 -6.17 -3.99
N CYS A 111 3.08 -5.66 -2.77
CA CYS A 111 3.57 -4.34 -2.42
C CYS A 111 5.08 -4.36 -2.23
N SER A 112 5.59 -5.34 -1.49
CA SER A 112 7.04 -5.47 -1.32
C SER A 112 7.74 -5.67 -2.64
N GLN A 113 7.10 -6.35 -3.61
CA GLN A 113 7.71 -6.51 -4.92
C GLN A 113 7.86 -5.17 -5.62
N GLY A 114 6.84 -4.31 -5.54
CA GLY A 114 6.92 -3.01 -6.19
C GLY A 114 7.95 -2.11 -5.56
N VAL A 115 8.04 -2.13 -4.22
CA VAL A 115 8.99 -1.27 -3.52
C VAL A 115 10.42 -1.70 -3.82
N ALA A 116 10.67 -3.02 -3.77
CA ALA A 116 12.01 -3.52 -4.04
C ALA A 116 12.51 -3.08 -5.41
N TYR A 117 11.60 -3.02 -6.39
CA TYR A 117 11.99 -2.52 -7.71
C TYR A 117 12.42 -1.06 -7.64
N LEU A 118 11.81 -0.28 -6.75
CA LEU A 118 12.22 1.10 -6.58
C LEU A 118 13.54 1.19 -5.81
N HIS A 119 13.70 0.36 -4.77
CA HIS A 119 14.95 0.35 -4.02
C HIS A 119 16.13 -0.07 -4.89
N SER A 120 15.87 -0.89 -5.91
CA SER A 120 16.92 -1.37 -6.80
C SER A 120 17.12 -0.47 -8.00
N MET A 121 16.43 0.68 -8.05
CA MET A 121 16.55 1.57 -9.20
C MET A 121 17.98 2.10 -9.32
N GLN A 122 18.41 2.29 -10.56
CA GLN A 122 19.72 2.88 -10.84
C GLN A 122 19.54 4.26 -11.46
N PRO A 123 20.49 5.18 -11.22
CA PRO A 123 21.70 4.99 -10.42
C PRO A 123 21.45 5.07 -8.92
N LYS A 124 20.48 5.89 -8.52
CA LYS A 124 20.14 6.07 -7.11
C LYS A 124 18.89 5.25 -6.78
N ALA A 125 18.89 4.65 -5.59
CA ALA A 125 17.71 3.93 -5.12
C ALA A 125 16.57 4.92 -4.88
N LEU A 126 15.44 4.67 -5.54
CA LEU A 126 14.28 5.54 -5.41
C LEU A 126 13.45 5.10 -4.21
N ILE A 127 13.27 6.01 -3.26
CA ILE A 127 12.56 5.72 -2.01
C ILE A 127 11.17 6.32 -2.09
N HIS A 128 10.16 5.53 -1.70
CA HIS A 128 8.77 5.95 -1.85
C HIS A 128 8.39 6.99 -0.80
N ARG A 129 8.80 6.79 0.45
CA ARG A 129 8.66 7.78 1.53
C ARG A 129 7.23 7.92 2.04
N ASP A 130 6.23 7.44 1.30
CA ASP A 130 4.84 7.60 1.70
C ASP A 130 4.04 6.33 1.35
N LEU A 131 4.46 5.21 1.93
CA LEU A 131 3.76 3.94 1.73
C LEU A 131 2.57 3.86 2.68
N LYS A 132 1.37 3.78 2.13
CA LYS A 132 0.17 3.62 2.93
C LYS A 132 -0.96 3.13 2.02
N PRO A 133 -1.97 2.47 2.59
CA PRO A 133 -3.05 1.90 1.76
C PRO A 133 -3.70 2.93 0.86
N PRO A 134 -3.87 4.19 1.30
CA PRO A 134 -4.43 5.19 0.40
C PRO A 134 -3.71 5.31 -0.93
N ASN A 135 -2.43 4.95 -0.98
CA ASN A 135 -1.64 5.02 -2.20
C ASN A 135 -1.45 3.64 -2.85
N LEU A 136 -2.14 2.62 -2.35
CA LEU A 136 -2.11 1.29 -2.93
C LEU A 136 -3.45 1.04 -3.62
N LEU A 137 -3.45 1.00 -4.94
CA LEU A 137 -4.65 0.80 -5.72
C LEU A 137 -4.76 -0.66 -6.16
N LEU A 138 -5.99 -1.08 -6.45
CA LEU A 138 -6.29 -2.47 -6.77
C LEU A 138 -6.96 -2.58 -8.13
N VAL A 139 -6.62 -3.64 -8.85
CA VAL A 139 -7.24 -3.96 -10.14
C VAL A 139 -7.51 -5.47 -10.17
N ALA A 140 -8.17 -5.90 -11.24
CA ALA A 140 -8.43 -7.32 -11.48
C ALA A 140 -9.17 -7.95 -10.29
N GLY A 141 -10.36 -7.40 -10.03
CA GLY A 141 -11.19 -7.92 -8.95
C GLY A 141 -10.56 -7.79 -7.58
N GLY A 142 -9.67 -6.81 -7.40
CA GLY A 142 -9.03 -6.60 -6.12
C GLY A 142 -7.89 -7.55 -5.80
N THR A 143 -7.39 -8.30 -6.78
CA THR A 143 -6.35 -9.29 -6.55
C THR A 143 -4.95 -8.79 -6.91
N VAL A 144 -4.84 -7.77 -7.75
CA VAL A 144 -3.55 -7.23 -8.18
C VAL A 144 -3.40 -5.84 -7.57
N LEU A 145 -2.40 -5.68 -6.72
CA LEU A 145 -2.12 -4.40 -6.08
C LEU A 145 -1.08 -3.63 -6.90
N LYS A 146 -1.19 -2.30 -6.87
CA LYS A 146 -0.28 -1.45 -7.61
C LYS A 146 -0.02 -0.18 -6.83
N ILE A 147 1.23 0.26 -6.83
CA ILE A 147 1.66 1.42 -6.07
C ILE A 147 1.56 2.66 -6.96
N CYS A 148 1.51 3.82 -6.31
CA CYS A 148 1.48 5.09 -7.03
C CYS A 148 1.93 6.19 -6.07
N ASP A 149 2.01 7.42 -6.60
CA ASP A 149 2.45 8.55 -5.80
C ASP A 149 1.47 9.72 -5.96
N GLY A 165 -2.41 12.59 6.68
CA GLY A 165 -2.23 11.93 7.96
C GLY A 165 -1.46 10.62 7.83
N SER A 166 -0.21 10.72 7.40
CA SER A 166 0.65 9.56 7.21
C SER A 166 1.40 9.15 8.47
N ALA A 167 1.13 9.81 9.60
CA ALA A 167 1.91 9.54 10.81
C ALA A 167 1.77 8.09 11.27
N ALA A 168 0.63 7.47 10.99
CA ALA A 168 0.41 6.10 11.44
C ALA A 168 1.37 5.12 10.77
N TRP A 169 1.81 5.43 9.55
CA TRP A 169 2.65 4.53 8.76
C TRP A 169 4.08 5.05 8.62
N MET A 170 4.50 5.99 9.46
CA MET A 170 5.76 6.70 9.28
C MET A 170 6.80 6.18 10.26
N ALA A 171 7.97 5.83 9.73
CA ALA A 171 9.06 5.38 10.60
C ALA A 171 9.47 6.50 11.55
N PRO A 172 9.86 6.17 12.79
CA PRO A 172 10.16 7.22 13.78
C PRO A 172 11.38 8.06 13.44
N GLU A 173 12.23 7.64 12.52
CA GLU A 173 13.39 8.45 12.15
C GLU A 173 13.08 9.45 11.05
N VAL A 174 11.93 9.35 10.39
CA VAL A 174 11.58 10.29 9.33
C VAL A 174 11.19 11.63 9.93
N PHE A 175 10.09 11.66 10.68
CA PHE A 175 9.70 12.91 11.33
C PHE A 175 10.64 13.32 12.44
N GLU A 176 11.62 12.47 12.78
CA GLU A 176 12.72 12.89 13.64
C GLU A 176 13.72 13.79 12.91
N GLY A 177 13.56 13.96 11.60
CA GLY A 177 14.46 14.77 10.80
C GLY A 177 15.79 14.13 10.48
N SER A 178 16.05 12.93 11.00
CA SER A 178 17.32 12.27 10.76
C SER A 178 17.44 11.87 9.30
N ASN A 179 18.69 11.80 8.82
CA ASN A 179 18.95 11.27 7.49
C ASN A 179 18.46 9.83 7.41
N TYR A 180 17.38 9.60 6.67
CA TYR A 180 16.78 8.29 6.60
C TYR A 180 17.23 7.58 5.32
N SER A 181 16.70 6.39 5.10
CA SER A 181 17.09 5.54 3.99
C SER A 181 15.83 4.88 3.44
N GLU A 182 16.00 3.80 2.69
CA GLU A 182 14.88 3.03 2.21
C GLU A 182 14.29 2.10 3.27
N LYS A 183 14.94 1.99 4.43
CA LYS A 183 14.39 1.20 5.52
C LYS A 183 13.19 1.85 6.20
N CYS A 184 12.79 3.05 5.78
CA CYS A 184 11.58 3.65 6.31
C CYS A 184 10.33 3.11 5.60
N ASP A 185 10.46 2.76 4.32
CA ASP A 185 9.39 2.03 3.64
C ASP A 185 9.16 0.67 4.28
N VAL A 186 10.25 -0.02 4.64
CA VAL A 186 10.11 -1.30 5.34
C VAL A 186 9.29 -1.12 6.60
N PHE A 187 9.44 0.02 7.28
CA PHE A 187 8.61 0.30 8.45
C PHE A 187 7.14 0.43 8.05
N SER A 188 6.87 1.21 7.00
CA SER A 188 5.49 1.34 6.51
C SER A 188 4.89 -0.02 6.21
N TRP A 189 5.61 -0.82 5.41
CA TRP A 189 5.14 -2.15 5.05
C TRP A 189 4.75 -2.94 6.29
N GLY A 190 5.60 -2.93 7.31
CA GLY A 190 5.29 -3.63 8.55
C GLY A 190 3.95 -3.21 9.13
N ILE A 191 3.69 -1.89 9.15
CA ILE A 191 2.42 -1.39 9.67
C ILE A 191 1.27 -1.86 8.78
N ILE A 192 1.48 -1.88 7.47
CA ILE A 192 0.42 -2.30 6.55
C ILE A 192 0.09 -3.77 6.75
N LEU A 193 1.09 -4.59 7.06
CA LEU A 193 0.84 -6.01 7.27
C LEU A 193 -0.07 -6.23 8.47
N TRP A 194 0.14 -5.45 9.55
CA TRP A 194 -0.76 -5.52 10.69
C TRP A 194 -2.15 -5.03 10.34
N GLU A 195 -2.27 -4.17 9.34
CA GLU A 195 -3.55 -3.52 9.03
C GLU A 195 -4.46 -4.44 8.23
N VAL A 196 -3.92 -5.16 7.26
CA VAL A 196 -4.74 -6.06 6.46
C VAL A 196 -5.10 -7.31 7.26
N ILE A 197 -4.26 -7.72 8.21
CA ILE A 197 -4.56 -8.90 9.02
C ILE A 197 -5.67 -8.59 10.01
N THR A 198 -5.65 -7.41 10.62
CA THR A 198 -6.65 -7.04 11.61
C THR A 198 -7.83 -6.27 11.02
N ARG A 199 -7.70 -5.75 9.80
CA ARG A 199 -8.68 -4.84 9.22
C ARG A 199 -9.01 -3.72 10.20
N ARG A 200 -7.98 -3.20 10.86
CA ARG A 200 -8.09 -2.09 11.80
C ARG A 200 -7.22 -0.94 11.32
N LYS A 201 -7.69 0.28 11.53
CA LYS A 201 -6.86 1.45 11.26
C LYS A 201 -5.76 1.52 12.32
N PRO A 202 -4.49 1.61 11.94
CA PRO A 202 -3.44 1.70 12.95
C PRO A 202 -3.53 3.01 13.72
N PHE A 203 -3.51 2.90 15.05
CA PHE A 203 -3.49 4.06 15.94
C PHE A 203 -4.76 4.90 15.80
N ASP A 204 -5.89 4.23 15.62
CA ASP A 204 -7.18 4.92 15.65
C ASP A 204 -7.61 5.22 17.08
N GLU A 205 -7.04 4.53 18.06
CA GLU A 205 -7.33 4.81 19.46
C GLU A 205 -6.61 6.07 19.93
N ILE A 206 -5.39 6.30 19.44
CA ILE A 206 -4.67 7.53 19.78
C ILE A 206 -5.44 8.74 19.26
N GLY A 207 -5.62 8.81 17.94
CA GLY A 207 -6.36 9.91 17.36
C GLY A 207 -5.64 11.23 17.56
N GLY A 208 -6.40 12.26 17.90
CA GLY A 208 -5.87 13.59 18.03
C GLY A 208 -5.14 14.03 16.77
N PRO A 209 -4.38 15.12 16.86
CA PRO A 209 -3.56 15.54 15.72
C PRO A 209 -2.40 14.57 15.49
N ALA A 210 -1.74 14.75 14.35
CA ALA A 210 -0.69 13.82 13.94
C ALA A 210 0.41 13.72 14.99
N PHE A 211 0.77 14.85 15.62
CA PHE A 211 1.91 14.84 16.54
C PHE A 211 1.70 13.92 17.73
N ARG A 212 0.45 13.61 18.07
CA ARG A 212 0.21 12.70 19.19
C ARG A 212 0.53 11.26 18.82
N ILE A 213 0.43 10.92 17.53
CA ILE A 213 0.88 9.61 17.07
C ILE A 213 2.39 9.60 16.91
N MET A 214 2.96 10.66 16.32
CA MET A 214 4.41 10.76 16.20
C MET A 214 5.07 10.60 17.56
N TRP A 215 4.54 11.26 18.59
CA TRP A 215 5.10 11.13 19.93
C TRP A 215 5.02 9.70 20.42
N ALA A 216 3.91 9.01 20.12
CA ALA A 216 3.72 7.65 20.61
C ALA A 216 4.69 6.68 19.94
N VAL A 217 4.74 6.71 18.60
CA VAL A 217 5.64 5.82 17.88
C VAL A 217 7.09 6.12 18.23
N HIS A 218 7.44 7.40 18.30
CA HIS A 218 8.80 7.79 18.69
C HIS A 218 9.16 7.23 20.06
N ASN A 219 8.18 7.14 20.96
CA ASN A 219 8.40 6.57 22.28
C ASN A 219 8.50 5.05 22.27
N GLY A 220 8.16 4.41 21.16
CA GLY A 220 8.23 2.96 21.05
C GLY A 220 6.89 2.29 20.87
N THR A 221 5.79 3.02 20.96
CA THR A 221 4.47 2.42 20.82
C THR A 221 4.32 1.79 19.44
N ARG A 222 3.69 0.63 19.39
CA ARG A 222 3.42 -0.08 18.15
C ARG A 222 2.02 -0.66 18.22
N PRO A 223 1.46 -1.06 17.07
CA PRO A 223 0.14 -1.69 17.11
C PRO A 223 0.18 -2.95 17.96
N PRO A 224 -0.92 -3.30 18.60
CA PRO A 224 -0.93 -4.46 19.49
C PRO A 224 -0.67 -5.76 18.73
N LEU A 225 -0.25 -6.78 19.47
CA LEU A 225 -0.01 -8.08 18.88
C LEU A 225 -1.33 -8.78 18.59
N ILE A 226 -1.26 -9.75 17.68
CA ILE A 226 -2.43 -10.37 17.09
C ILE A 226 -2.61 -11.75 17.68
N LYS A 227 -3.80 -12.01 18.22
CA LYS A 227 -4.11 -13.31 18.79
C LYS A 227 -3.93 -14.41 17.75
N ASN A 228 -3.15 -15.43 18.11
CA ASN A 228 -2.99 -16.63 17.30
C ASN A 228 -2.34 -16.33 15.94
N LEU A 229 -1.42 -15.36 15.92
CA LEU A 229 -0.70 -15.06 14.70
C LEU A 229 0.48 -16.02 14.53
N PRO A 230 0.70 -16.55 13.33
CA PRO A 230 1.84 -17.46 13.13
C PRO A 230 3.15 -16.78 13.50
N LYS A 231 3.94 -17.47 14.33
CA LYS A 231 5.19 -16.88 14.80
C LYS A 231 6.10 -16.43 13.66
N PRO A 232 6.19 -17.12 12.52
CA PRO A 232 6.96 -16.55 11.40
C PRO A 232 6.47 -15.17 10.99
N ILE A 233 5.16 -14.99 10.86
CA ILE A 233 4.63 -13.70 10.44
C ILE A 233 4.83 -12.66 11.52
N GLU A 234 4.60 -13.04 12.79
CA GLU A 234 4.85 -12.12 13.89
C GLU A 234 6.30 -11.67 13.90
N SER A 235 7.24 -12.59 13.65
CA SER A 235 8.65 -12.24 13.66
C SER A 235 8.97 -11.22 12.59
N LEU A 236 8.53 -11.47 11.35
CA LEU A 236 8.82 -10.54 10.26
C LEU A 236 8.19 -9.18 10.52
N MET A 237 6.93 -9.17 10.95
CA MET A 237 6.22 -7.92 11.21
C MET A 237 6.97 -7.07 12.22
N THR A 238 7.40 -7.67 13.34
CA THR A 238 8.03 -6.90 14.40
C THR A 238 9.42 -6.40 13.99
N ARG A 239 10.16 -7.23 13.25
CA ARG A 239 11.45 -6.78 12.73
C ARG A 239 11.29 -5.53 11.85
N CYS A 240 10.24 -5.51 11.04
CA CYS A 240 10.04 -4.40 10.11
C CYS A 240 9.80 -3.08 10.84
N TRP A 241 9.32 -3.11 12.08
CA TRP A 241 9.05 -1.88 12.81
C TRP A 241 9.89 -1.76 14.07
N SER A 242 11.11 -2.30 14.02
CA SER A 242 12.11 -2.02 15.05
C SER A 242 12.51 -0.56 14.99
N LYS A 243 12.86 -0.01 16.15
CA LYS A 243 13.31 1.37 16.19
C LYS A 243 14.60 1.54 15.40
N ASP A 244 15.52 0.60 15.52
CA ASP A 244 16.79 0.66 14.80
C ASP A 244 16.58 0.28 13.35
N PRO A 245 16.68 1.21 12.40
CA PRO A 245 16.43 0.86 11.00
C PRO A 245 17.32 -0.25 10.48
N SER A 246 18.55 -0.35 10.95
CA SER A 246 19.47 -1.37 10.46
C SER A 246 19.06 -2.77 10.89
N GLN A 247 18.24 -2.89 11.92
CA GLN A 247 17.71 -4.18 12.36
C GLN A 247 16.46 -4.60 11.59
N ARG A 248 15.95 -3.72 10.69
CA ARG A 248 14.83 -4.09 9.83
C ARG A 248 15.35 -4.79 8.58
N PRO A 249 14.63 -5.79 8.08
CA PRO A 249 15.09 -6.47 6.86
C PRO A 249 14.95 -5.59 5.64
N SER A 250 15.71 -5.93 4.61
CA SER A 250 15.57 -5.28 3.32
C SER A 250 14.30 -5.76 2.62
N MET A 251 13.85 -4.97 1.64
CA MET A 251 12.68 -5.36 0.86
C MET A 251 12.95 -6.64 0.09
N GLU A 252 14.19 -6.83 -0.38
CA GLU A 252 14.56 -8.07 -1.03
C GLU A 252 14.31 -9.26 -0.12
N GLU A 253 14.64 -9.12 1.16
CA GLU A 253 14.42 -10.20 2.12
C GLU A 253 12.94 -10.41 2.37
N ILE A 254 12.17 -9.32 2.45
CA ILE A 254 10.73 -9.44 2.66
C ILE A 254 10.08 -10.17 1.48
N VAL A 255 10.41 -9.76 0.26
CA VAL A 255 9.85 -10.42 -0.92
C VAL A 255 10.12 -11.91 -0.87
N LYS A 256 11.38 -12.28 -0.66
CA LYS A 256 11.75 -13.70 -0.58
C LYS A 256 10.87 -14.43 0.42
N ILE A 257 10.79 -13.93 1.65
CA ILE A 257 10.06 -14.61 2.70
C ILE A 257 8.57 -14.69 2.36
N MET A 258 8.00 -13.56 1.92
CA MET A 258 6.58 -13.56 1.56
C MET A 258 6.31 -14.53 0.42
N THR A 259 7.24 -14.63 -0.54
CA THR A 259 7.05 -15.53 -1.67
C THR A 259 6.92 -16.97 -1.20
N HIS A 260 7.76 -17.38 -0.25
CA HIS A 260 7.75 -18.76 0.21
C HIS A 260 6.61 -19.04 1.18
N LEU A 261 6.05 -18.01 1.81
CA LEU A 261 4.89 -18.21 2.67
C LEU A 261 3.61 -18.40 1.88
N MET A 262 3.55 -17.87 0.65
CA MET A 262 2.33 -18.01 -0.15
C MET A 262 2.00 -19.46 -0.45
N ARG A 263 2.99 -20.36 -0.39
CA ARG A 263 2.70 -21.78 -0.51
C ARG A 263 1.60 -22.20 0.44
N TYR A 264 1.49 -21.53 1.59
CA TYR A 264 0.50 -21.86 2.61
C TYR A 264 -0.67 -20.89 2.62
N PHE A 265 -0.84 -20.12 1.55
CA PHE A 265 -1.97 -19.20 1.39
C PHE A 265 -2.46 -19.28 -0.04
N PRO A 266 -3.04 -20.41 -0.44
CA PRO A 266 -3.62 -20.51 -1.78
C PRO A 266 -4.89 -19.68 -1.89
N GLY A 267 -5.24 -19.35 -3.12
CA GLY A 267 -6.49 -18.68 -3.41
C GLY A 267 -6.44 -17.17 -3.52
N ALA A 268 -5.25 -16.57 -3.64
CA ALA A 268 -5.16 -15.13 -3.82
C ALA A 268 -5.70 -14.67 -5.17
N ASP A 269 -6.06 -15.59 -6.06
CA ASP A 269 -6.59 -15.25 -7.37
C ASP A 269 -8.09 -15.03 -7.37
N GLU A 270 -8.79 -15.47 -6.34
CA GLU A 270 -10.24 -15.37 -6.31
C GLU A 270 -10.66 -13.92 -6.11
N PRO A 271 -11.42 -13.32 -7.03
CA PRO A 271 -11.80 -11.92 -6.86
C PRO A 271 -12.61 -11.70 -5.60
N LEU A 272 -12.60 -10.45 -5.12
CA LEU A 272 -13.46 -10.03 -4.03
C LEU A 272 -14.86 -9.81 -4.59
N GLN A 273 -15.83 -10.57 -4.08
CA GLN A 273 -17.20 -10.48 -4.59
C GLN A 273 -18.22 -10.73 -3.49
N TYR A 274 -17.79 -11.28 -2.38
CA TYR A 274 -18.70 -11.66 -1.31
C TYR A 274 -18.87 -10.50 -0.33
N PRO A 275 -20.08 -10.22 0.14
CA PRO A 275 -20.27 -9.09 1.05
C PRO A 275 -19.73 -9.39 2.44
N CYS A 276 -19.76 -8.39 3.33
CA CYS A 276 -19.23 -8.55 4.67
C CYS A 276 -19.84 -7.49 5.56
N GLN A 277 -20.51 -7.91 6.64
CA GLN A 277 -21.03 -6.99 7.64
C GLN A 277 -20.03 -6.97 8.80
N HIS A 278 -18.96 -6.20 8.61
CA HIS A 278 -17.82 -6.24 9.51
C HIS A 278 -18.09 -5.40 10.75
N SER A 279 -17.84 -5.98 11.92
CA SER A 279 -17.96 -5.29 13.20
C SER A 279 -16.64 -5.42 13.95
N LEU A 280 -16.32 -4.41 14.75
CA LEU A 280 -14.99 -4.30 15.35
C LEU A 280 -15.03 -4.49 16.86
N PRO A 281 -14.63 -5.64 17.38
CA PRO A 281 -14.44 -5.77 18.83
C PRO A 281 -13.42 -4.77 19.35
N PRO A 282 -13.72 -4.06 20.43
CA PRO A 282 -12.69 -3.23 21.08
C PRO A 282 -11.44 -4.03 21.41
N GLY A 283 -10.33 -3.34 21.70
CA GLY A 283 -9.07 -4.00 21.99
C GLY A 283 -9.00 -4.53 23.42
N GLU A 284 -9.74 -5.58 23.71
CA GLU A 284 -9.77 -6.16 25.05
C GLU A 284 -8.41 -6.72 25.44
N ASP A 285 -7.75 -6.08 26.39
CA ASP A 285 -6.51 -6.57 26.98
C ASP A 285 -5.34 -6.60 26.00
N GLY A 286 -5.05 -5.45 25.39
CA GLY A 286 -3.82 -5.25 24.64
C GLY A 286 -3.51 -6.26 23.55
N ARG A 287 -4.46 -7.14 23.22
CA ARG A 287 -4.30 -8.10 22.14
C ARG A 287 -5.57 -8.11 21.32
N VAL A 288 -5.43 -8.00 20.00
CA VAL A 288 -6.56 -7.86 19.10
C VAL A 288 -6.77 -9.16 18.34
N GLU A 289 -8.03 -9.40 17.97
CA GLU A 289 -8.37 -10.54 17.13
C GLU A 289 -8.08 -10.22 15.67
N PRO A 290 -7.51 -11.15 14.91
CA PRO A 290 -7.34 -10.92 13.48
C PRO A 290 -8.68 -10.98 12.76
N TYR A 291 -8.72 -10.34 11.59
CA TYR A 291 -9.88 -10.45 10.72
C TYR A 291 -9.80 -11.70 9.83
N VAL A 292 -8.64 -11.96 9.25
CA VAL A 292 -8.46 -13.16 8.43
C VAL A 292 -8.31 -14.38 9.33
N ASP A 293 -8.49 -15.56 8.73
CA ASP A 293 -8.40 -16.82 9.43
C ASP A 293 -7.14 -17.56 9.00
N PHE A 294 -6.36 -18.05 9.95
CA PHE A 294 -5.12 -18.76 9.68
C PHE A 294 -5.27 -20.27 9.81
N ALA A 295 -6.48 -20.78 9.98
CA ALA A 295 -6.66 -22.22 10.18
C ALA A 295 -6.11 -23.01 9.00
N GLU A 296 -6.36 -22.54 7.77
CA GLU A 296 -5.86 -23.23 6.60
C GLU A 296 -4.34 -23.14 6.52
N PHE A 297 -3.73 -22.10 7.08
CA PHE A 297 -2.28 -21.99 7.08
C PHE A 297 -1.65 -23.00 8.03
N TYR A 298 -2.10 -23.03 9.28
CA TYR A 298 -1.60 -24.03 10.22
C TYR A 298 -1.85 -25.44 9.68
N ARG A 299 -2.93 -25.64 8.93
CA ARG A 299 -3.21 -26.94 8.34
C ARG A 299 -2.16 -27.29 7.29
N LEU A 300 -2.03 -26.45 6.27
CA LEU A 300 -1.05 -26.72 5.22
C LEU A 300 0.37 -26.78 5.77
N TRP A 301 0.66 -26.01 6.81
CA TRP A 301 2.00 -26.01 7.39
C TRP A 301 2.31 -27.34 8.05
N SER A 302 1.36 -27.89 8.81
CA SER A 302 1.60 -29.14 9.53
C SER A 302 1.81 -30.30 8.55
N VAL A 303 1.19 -30.24 7.37
CA VAL A 303 1.35 -31.30 6.39
C VAL A 303 2.80 -31.36 5.89
N ASP A 304 3.44 -30.20 5.74
CA ASP A 304 4.84 -30.16 5.32
C ASP A 304 5.79 -30.48 6.49
N HIS A 305 5.43 -30.08 7.71
CA HIS A 305 6.25 -30.32 8.89
C HIS A 305 5.53 -31.38 9.73
N GLY A 306 4.93 -31.00 10.87
CA GLY A 306 4.21 -31.94 11.71
C GLY A 306 3.85 -31.32 13.04
C10 6H4 B . -9.42 5.91 -7.24
C11 6H4 B . -12.08 5.06 -7.51
C12 6H4 B . -11.13 4.75 -8.50
C13 6H4 B . -9.80 5.18 -8.36
C15 6H4 B . -7.56 5.49 -9.64
C17 6H4 B . -5.59 5.45 -10.84
C18 6H4 B . -5.21 6.60 -10.19
C20 6H4 B . -6.08 7.18 -9.25
C01 6H4 B . -15.30 7.20 -2.43
N02 6H4 B . -14.50 6.98 -3.41
C03 6H4 B . -14.80 5.78 -3.99
C04 6H4 B . -14.03 5.58 -5.32
C05 6H4 B . -13.19 6.98 -2.96
C06 6H4 B . -12.19 6.38 -3.95
N07 6H4 B . -12.68 6.16 -5.31
C08 6H4 B . -11.69 5.81 -6.38
C09 6H4 B . -10.38 6.23 -6.25
N14 6H4 B . -8.82 4.83 -9.41
N16 6H4 B . -6.76 4.94 -10.54
CL19 6H4 B . -3.63 7.36 -10.55
O21 6H4 B . -5.68 8.36 -8.59
C22 6H4 B . -6.20 8.50 -7.28
C23 6H4 B . -7.45 9.07 -7.07
C24 6H4 B . -7.94 9.23 -5.75
C25 6H4 B . -7.17 8.82 -4.63
C26 6H4 B . -5.91 8.27 -4.83
C27 6H4 B . -5.42 8.11 -6.15
N28 6H4 B . -4.09 7.53 -6.35
C29 6H4 B . -2.94 8.09 -5.67
C30 6H4 B . -1.59 7.45 -5.92
C31 6H4 B . -1.69 6.63 -7.30
O32 6H4 B . -3.02 9.01 -4.95
N33 6H4 B . -7.24 6.59 -9.00
#